data_9G2W
#
_entry.id   9G2W
#
_entity_poly.entity_id   1
_entity_poly.type   'polypeptide(L)'
_entity_poly.pdbx_seq_one_letter_code
;MNIMDFNVKKLAADAGTFLSRAVQFTEEKLGQAEKTELDAHLENLLSKAECTKIWTEKIMKQTEVLLQPNPNARIEEFVY
EKLDRKAPSRINNPELLGQYMIDAGTEFGPGTAYGNALIKCGETQKRIGTADRELIQTSALNFLTPLRNFIEGDYKTIAK
ERKLLQNKRLDLDAAKTRLKKAKAAETRNSSEQELRITQSEFDRQAEITRLLLEGISSTHAHHLRCLNDFVEAQMTYYAQ
CYQYMLDLQKQLGSFPSNYLSNNNQTSVTPVPSVLPNAIGSSAMASTSGLVITSPSNLSDLKECSGSRKARVLYDYDAAN
STELSLLADEVITVFSVVGMDSDWLMGERGNQKGKVPITYLELLN
;
_entity_poly.pdbx_strand_id   A,B
#
# COMPACT_ATOMS: atom_id res chain seq x y z
N LEU A 11 17.16 15.63 -52.02
CA LEU A 11 16.76 15.85 -50.63
C LEU A 11 15.45 16.64 -50.57
N ALA A 12 15.34 17.67 -51.40
CA ALA A 12 14.11 18.45 -51.47
C ALA A 12 12.94 17.61 -51.98
N ALA A 13 13.21 16.60 -52.81
CA ALA A 13 12.15 15.72 -53.27
C ALA A 13 11.46 15.04 -52.09
N ASP A 14 12.26 14.74 -51.06
CA ASP A 14 11.70 14.10 -49.83
C ASP A 14 10.65 15.03 -49.23
N ALA A 15 10.96 16.33 -49.16
CA ALA A 15 10.01 17.31 -48.61
C ALA A 15 8.72 17.25 -49.43
N GLY A 16 8.83 17.12 -50.75
CA GLY A 16 7.64 17.00 -51.61
C GLY A 16 6.82 15.79 -51.23
N THR A 17 7.49 14.66 -50.93
CA THR A 17 6.77 13.44 -50.48
C THR A 17 6.04 13.74 -49.18
N PHE A 18 6.72 14.39 -48.22
CA PHE A 18 6.07 14.75 -46.95
C PHE A 18 4.88 15.67 -47.26
N LEU A 19 5.09 16.65 -48.14
CA LEU A 19 3.99 17.58 -48.52
C LEU A 19 2.83 16.76 -49.11
N SER A 20 3.14 15.86 -50.05
CA SER A 20 2.07 15.08 -50.71
C SER A 20 1.31 14.25 -49.68
N ARG A 21 2.02 13.58 -48.79
CA ARG A 21 1.37 12.73 -47.76
C ARG A 21 0.45 13.61 -46.91
N ALA A 22 0.90 14.82 -46.57
CA ALA A 22 0.10 15.72 -45.70
C ALA A 22 -1.17 16.17 -46.43
N VAL A 23 -1.03 16.86 -47.56
CA VAL A 23 -2.20 17.39 -48.25
C VAL A 23 -3.25 16.30 -48.36
N GLN A 24 -2.83 15.10 -48.79
CA GLN A 24 -3.77 13.99 -48.94
C GLN A 24 -4.45 13.69 -47.61
N PHE A 25 -3.67 13.63 -46.53
CA PHE A 25 -4.24 13.35 -45.22
C PHE A 25 -5.30 14.39 -44.88
N THR A 26 -5.00 15.65 -45.20
CA THR A 26 -5.99 16.74 -44.94
C THR A 26 -7.25 16.49 -45.77
N GLU A 27 -7.10 16.31 -47.09
CA GLU A 27 -8.29 16.15 -47.97
C GLU A 27 -9.12 14.95 -47.51
N GLU A 28 -8.45 13.85 -47.16
CA GLU A 28 -9.17 12.64 -46.68
C GLU A 28 -9.93 13.02 -45.40
N LYS A 29 -9.27 13.73 -44.48
CA LYS A 29 -9.95 14.20 -43.25
C LYS A 29 -11.09 15.15 -43.64
N LEU A 30 -10.85 16.02 -44.63
CA LEU A 30 -11.90 16.95 -45.09
C LEU A 30 -13.11 16.13 -45.55
N GLY A 31 -12.92 14.81 -45.68
CA GLY A 31 -14.00 13.94 -46.16
C GLY A 31 -14.11 14.03 -47.67
N GLN A 32 -13.45 15.03 -48.27
CA GLN A 32 -13.46 15.19 -49.74
C GLN A 32 -12.84 13.93 -50.36
N ALA A 33 -11.81 13.39 -49.71
CA ALA A 33 -11.13 12.17 -50.22
C ALA A 33 -11.51 10.97 -49.35
N GLU A 34 -11.58 9.77 -49.95
CA GLU A 34 -11.88 8.57 -49.20
C GLU A 34 -10.59 7.83 -48.86
N LYS A 35 -10.74 6.70 -48.16
CA LYS A 35 -9.63 5.88 -47.74
C LYS A 35 -9.78 4.48 -48.33
N THR A 36 -8.71 3.98 -48.94
CA THR A 36 -8.69 2.63 -49.49
C THR A 36 -8.64 1.62 -48.35
N GLU A 37 -9.77 0.96 -48.09
CA GLU A 37 -9.83 0.03 -46.97
C GLU A 37 -8.87 -1.13 -47.18
N LEU A 38 -8.19 -1.52 -46.10
CA LEU A 38 -7.26 -2.63 -46.13
C LEU A 38 -8.01 -3.96 -46.11
N ASP A 39 -7.27 -5.03 -46.40
CA ASP A 39 -7.86 -6.36 -46.40
C ASP A 39 -8.40 -6.71 -45.01
N ALA A 40 -9.54 -7.39 -44.98
CA ALA A 40 -10.18 -7.69 -43.70
C ALA A 40 -9.25 -8.44 -42.77
N HIS A 41 -8.50 -9.40 -43.30
CA HIS A 41 -7.60 -10.23 -42.50
C HIS A 41 -6.62 -9.34 -41.73
N LEU A 42 -5.95 -8.44 -42.44
CA LEU A 42 -4.95 -7.55 -41.79
C LEU A 42 -5.68 -6.64 -40.81
N GLU A 43 -6.82 -6.08 -41.23
CA GLU A 43 -7.62 -5.24 -40.29
C GLU A 43 -7.87 -6.05 -39.02
N ASN A 44 -8.32 -7.30 -39.18
CA ASN A 44 -8.60 -8.16 -38.00
C ASN A 44 -7.30 -8.35 -37.21
N LEU A 45 -6.22 -8.73 -37.89
CA LEU A 45 -4.94 -9.01 -37.17
C LEU A 45 -4.55 -7.78 -36.35
N LEU A 46 -4.53 -6.60 -36.97
CA LEU A 46 -4.07 -5.38 -36.26
C LEU A 46 -4.96 -5.17 -35.03
N SER A 47 -6.28 -5.29 -35.22
CA SER A 47 -7.23 -5.05 -34.09
C SER A 47 -6.91 -6.00 -32.94
N LYS A 48 -6.71 -7.28 -33.24
CA LYS A 48 -6.45 -8.29 -32.17
C LYS A 48 -5.18 -7.88 -31.40
N ALA A 49 -4.11 -7.58 -32.13
CA ALA A 49 -2.83 -7.25 -31.45
C ALA A 49 -3.04 -6.09 -30.49
N GLU A 50 -3.76 -5.05 -30.94
CA GLU A 50 -3.98 -3.86 -30.08
C GLU A 50 -4.69 -4.30 -28.79
N CYS A 51 -5.87 -4.90 -28.91
CA CYS A 51 -6.64 -5.29 -27.73
C CYS A 51 -5.74 -6.02 -26.75
N THR A 52 -4.96 -6.98 -27.27
CA THR A 52 -4.06 -7.76 -26.43
C THR A 52 -3.17 -6.83 -25.63
N LYS A 53 -2.52 -5.88 -26.32
CA LYS A 53 -1.59 -4.96 -25.61
C LYS A 53 -2.37 -4.19 -24.55
N ILE A 54 -3.53 -3.64 -24.91
CA ILE A 54 -4.29 -2.80 -23.94
C ILE A 54 -4.51 -3.60 -22.65
N TRP A 55 -5.12 -4.77 -22.75
CA TRP A 55 -5.45 -5.56 -21.52
C TRP A 55 -4.17 -5.95 -20.79
N THR A 56 -3.16 -6.43 -21.51
CA THR A 56 -1.92 -6.89 -20.84
C THR A 56 -1.36 -5.74 -20.01
N GLU A 57 -1.34 -4.53 -20.57
CA GLU A 57 -0.83 -3.35 -19.84
C GLU A 57 -1.66 -3.15 -18.57
N LYS A 58 -2.99 -3.17 -18.70
CA LYS A 58 -3.87 -2.92 -17.53
C LYS A 58 -3.57 -3.94 -16.43
N ILE A 59 -3.53 -5.22 -16.79
CA ILE A 59 -3.32 -6.28 -15.75
C ILE A 59 -1.96 -6.05 -15.08
N MET A 60 -0.92 -5.80 -15.88
CA MET A 60 0.44 -5.62 -15.31
C MET A 60 0.41 -4.52 -14.27
N LYS A 61 -0.21 -3.38 -14.59
CA LYS A 61 -0.26 -2.23 -13.65
C LYS A 61 -1.02 -2.65 -12.39
N GLN A 62 -2.25 -3.12 -12.53
CA GLN A 62 -3.03 -3.46 -11.35
C GLN A 62 -2.30 -4.49 -10.49
N THR A 63 -1.68 -5.48 -11.13
CA THR A 63 -0.87 -6.45 -10.39
C THR A 63 0.13 -5.69 -9.53
N GLU A 64 0.91 -4.83 -10.17
CA GLU A 64 1.97 -4.10 -9.43
C GLU A 64 1.35 -3.44 -8.21
N VAL A 65 0.30 -2.64 -8.42
CA VAL A 65 -0.38 -1.96 -7.29
C VAL A 65 -0.65 -3.00 -6.19
N LEU A 66 -1.21 -4.15 -6.58
CA LEU A 66 -1.54 -5.16 -5.57
C LEU A 66 -0.29 -5.52 -4.77
N LEU A 67 0.84 -5.69 -5.45
CA LEU A 67 2.06 -6.10 -4.76
C LEU A 67 2.58 -4.99 -3.86
N GLN A 68 2.66 -3.77 -4.40
CA GLN A 68 3.15 -2.62 -3.60
C GLN A 68 1.98 -1.65 -3.37
N PRO A 69 1.23 -1.77 -2.24
CA PRO A 69 0.06 -0.93 -2.01
C PRO A 69 0.43 0.56 -1.90
N ASN A 70 1.52 0.87 -1.21
CA ASN A 70 1.89 2.30 -0.97
C ASN A 70 2.22 2.95 -2.31
N PRO A 71 1.40 3.92 -2.78
CA PRO A 71 1.68 4.63 -4.03
C PRO A 71 2.81 5.64 -3.85
N ASN A 72 2.85 6.32 -2.70
CA ASN A 72 3.90 7.34 -2.46
C ASN A 72 5.28 6.67 -2.58
N ALA A 73 5.41 5.46 -2.04
CA ALA A 73 6.69 4.73 -2.16
C ALA A 73 7.04 4.58 -3.64
N ARG A 74 6.05 4.18 -4.46
CA ARG A 74 6.29 3.98 -5.91
C ARG A 74 6.75 5.30 -6.53
N ILE A 75 6.12 6.41 -6.13
CA ILE A 75 6.50 7.75 -6.67
C ILE A 75 7.98 8.02 -6.33
N GLU A 76 8.36 7.76 -5.07
CA GLU A 76 9.76 7.99 -4.63
C GLU A 76 10.70 7.15 -5.51
N GLU A 77 10.35 5.89 -5.74
CA GLU A 77 11.18 5.01 -6.59
C GLU A 77 11.33 5.67 -7.97
N PHE A 78 10.21 6.08 -8.56
CA PHE A 78 10.24 6.76 -9.88
C PHE A 78 11.27 7.91 -9.82
N VAL A 79 11.18 8.74 -8.77
CA VAL A 79 12.08 9.91 -8.67
C VAL A 79 13.53 9.41 -8.71
N TYR A 80 13.89 8.48 -7.82
CA TYR A 80 15.29 7.98 -7.76
C TYR A 80 15.65 7.30 -9.09
N GLU A 81 14.68 6.60 -9.70
CA GLU A 81 14.92 5.94 -11.01
C GLU A 81 15.33 7.01 -12.03
N LYS A 82 14.56 8.09 -12.13
CA LYS A 82 14.91 9.21 -13.05
C LYS A 82 16.21 9.85 -12.55
N LEU A 83 16.37 9.95 -11.23
CA LEU A 83 17.59 10.56 -10.64
C LEU A 83 18.77 9.58 -10.80
N ASP A 84 18.47 8.36 -11.27
CA ASP A 84 19.53 7.33 -11.46
C ASP A 84 20.22 7.09 -10.11
N ARG A 85 19.45 7.11 -9.02
CA ARG A 85 20.01 6.86 -7.66
C ARG A 85 19.28 5.66 -7.03
N LYS A 86 19.86 5.08 -5.98
CA LYS A 86 19.24 3.93 -5.33
C LYS A 86 18.23 4.41 -4.30
N ALA A 87 17.05 3.79 -4.30
CA ALA A 87 16.03 4.12 -3.32
C ALA A 87 16.26 3.33 -2.03
N PRO A 88 16.47 4.00 -0.89
CA PRO A 88 16.77 3.29 0.35
C PRO A 88 15.73 2.21 0.66
N SER A 89 16.23 1.06 1.09
CA SER A 89 15.34 -0.05 1.44
C SER A 89 14.56 0.30 2.72
N ARG A 90 13.41 -0.35 2.87
CA ARG A 90 12.55 -0.09 4.01
C ARG A 90 11.99 -1.41 4.51
N ILE A 91 11.77 -1.51 5.83
CA ILE A 91 11.21 -2.75 6.42
C ILE A 91 9.70 -2.79 6.17
N ASN A 92 9.14 -3.97 5.90
CA ASN A 92 7.69 -4.10 5.61
C ASN A 92 6.88 -4.00 6.90
N ASN A 93 5.60 -3.64 6.79
CA ASN A 93 4.74 -3.46 7.98
C ASN A 93 4.78 -4.72 8.87
N PRO A 94 4.59 -5.95 8.36
CA PRO A 94 4.55 -7.12 9.22
C PRO A 94 5.77 -7.20 10.15
N GLU A 95 6.98 -7.10 9.58
CA GLU A 95 8.21 -7.24 10.41
C GLU A 95 8.28 -6.09 11.40
N LEU A 96 7.94 -4.87 10.97
CA LEU A 96 8.05 -3.69 11.87
C LEU A 96 7.20 -3.93 13.11
N LEU A 97 5.92 -4.29 12.92
CA LEU A 97 5.02 -4.54 14.08
C LEU A 97 5.72 -5.53 15.02
N GLY A 98 6.30 -6.60 14.45
CA GLY A 98 6.92 -7.62 15.27
C GLY A 98 7.96 -7.00 16.19
N GLN A 99 8.78 -6.10 15.65
CA GLN A 99 9.84 -5.47 16.43
C GLN A 99 9.23 -4.73 17.61
N TYR A 100 8.22 -3.88 17.34
CA TYR A 100 7.61 -3.12 18.44
C TYR A 100 7.06 -4.07 19.50
N MET A 101 6.36 -5.11 19.06
CA MET A 101 5.74 -6.06 20.02
C MET A 101 6.84 -6.70 20.88
N ILE A 102 7.89 -7.20 20.25
CA ILE A 102 8.94 -7.91 20.98
C ILE A 102 9.54 -6.98 22.02
N ASP A 103 9.83 -5.73 21.63
CA ASP A 103 10.41 -4.79 22.58
C ASP A 103 9.47 -4.60 23.76
N ALA A 104 8.18 -4.40 23.46
CA ALA A 104 7.19 -4.25 24.54
C ALA A 104 7.27 -5.46 25.46
N GLY A 105 7.01 -6.65 24.92
CA GLY A 105 7.07 -7.88 25.73
C GLY A 105 8.27 -7.87 26.65
N THR A 106 9.46 -7.57 26.11
CA THR A 106 10.67 -7.59 26.91
C THR A 106 10.53 -6.61 28.07
N GLU A 107 10.06 -5.39 27.78
CA GLU A 107 9.93 -4.37 28.82
C GLU A 107 8.94 -4.82 29.89
N PHE A 108 7.82 -5.41 29.47
CA PHE A 108 6.76 -5.83 30.44
C PHE A 108 7.26 -6.98 31.30
N GLY A 109 8.30 -7.71 30.86
CA GLY A 109 8.83 -8.78 31.66
C GLY A 109 8.62 -10.14 31.02
N PRO A 110 9.73 -10.80 30.67
CA PRO A 110 9.63 -12.12 30.00
C PRO A 110 8.85 -13.16 30.79
N GLY A 111 8.99 -13.16 32.12
CA GLY A 111 8.24 -14.13 32.91
C GLY A 111 6.75 -13.97 32.75
N THR A 112 6.27 -12.73 32.69
CA THR A 112 4.85 -12.48 32.58
C THR A 112 4.29 -13.11 31.30
N ALA A 113 3.12 -13.73 31.42
CA ALA A 113 2.49 -14.39 30.29
C ALA A 113 2.27 -13.41 29.14
N TYR A 114 1.84 -12.20 29.50
CA TYR A 114 1.61 -11.13 28.48
C TYR A 114 2.93 -10.92 27.75
N GLY A 115 4.02 -10.81 28.50
CA GLY A 115 5.34 -10.67 27.87
C GLY A 115 5.63 -11.85 26.97
N ASN A 116 5.38 -13.07 27.46
CA ASN A 116 5.64 -14.29 26.66
C ASN A 116 4.84 -14.20 25.36
N ALA A 117 3.55 -13.91 25.46
CA ALA A 117 2.70 -13.85 24.25
C ALA A 117 3.25 -12.79 23.29
N LEU A 118 3.43 -11.56 23.77
CA LEU A 118 3.85 -10.47 22.86
C LEU A 118 5.13 -10.89 22.14
N ILE A 119 6.12 -11.39 22.87
CA ILE A 119 7.42 -11.76 22.24
C ILE A 119 7.17 -12.86 21.21
N LYS A 120 6.39 -13.89 21.59
CA LYS A 120 6.14 -15.02 20.66
C LYS A 120 5.53 -14.48 19.36
N CYS A 121 4.52 -13.62 19.47
CA CYS A 121 3.85 -13.10 18.26
C CYS A 121 4.85 -12.33 17.40
N GLY A 122 5.56 -11.39 17.99
CA GLY A 122 6.52 -10.57 17.21
C GLY A 122 7.36 -11.44 16.30
N GLU A 123 7.70 -12.65 16.76
CA GLU A 123 8.57 -13.53 15.97
C GLU A 123 7.81 -14.01 14.76
N THR A 124 6.58 -14.48 14.98
CA THR A 124 5.78 -14.99 13.87
C THR A 124 5.61 -13.89 12.82
N GLN A 125 5.31 -12.67 13.28
CA GLN A 125 5.08 -11.56 12.36
C GLN A 125 6.31 -11.35 11.48
N LYS A 126 7.50 -11.41 12.07
CA LYS A 126 8.71 -11.18 11.27
C LYS A 126 8.90 -12.31 10.25
N ARG A 127 8.63 -13.55 10.67
CA ARG A 127 8.71 -14.66 9.73
C ARG A 127 7.76 -14.42 8.56
N ILE A 128 6.53 -13.98 8.87
CA ILE A 128 5.54 -13.72 7.82
C ILE A 128 6.08 -12.66 6.87
N GLY A 129 6.66 -11.60 7.43
CA GLY A 129 7.17 -10.53 6.58
C GLY A 129 8.21 -11.06 5.61
N THR A 130 9.09 -11.94 6.10
CA THR A 130 10.10 -12.53 5.24
C THR A 130 9.41 -13.30 4.10
N ALA A 131 8.39 -14.09 4.46
CA ALA A 131 7.69 -14.86 3.43
C ALA A 131 7.10 -13.92 2.39
N ASP A 132 6.59 -12.77 2.84
CA ASP A 132 5.97 -11.79 1.91
C ASP A 132 6.99 -11.38 0.85
N ARG A 133 8.18 -10.95 1.28
CA ARG A 133 9.20 -10.46 0.32
C ARG A 133 9.52 -11.58 -0.67
N GLU A 134 9.57 -12.83 -0.21
CA GLU A 134 9.83 -13.97 -1.12
C GLU A 134 8.82 -13.92 -2.27
N LEU A 135 7.54 -13.80 -1.94
CA LEU A 135 6.47 -13.76 -2.99
C LEU A 135 6.73 -12.59 -3.93
N ILE A 136 6.99 -11.41 -3.39
CA ILE A 136 7.17 -10.20 -4.25
C ILE A 136 8.27 -10.49 -5.26
N GLN A 137 9.44 -10.91 -4.79
CA GLN A 137 10.58 -11.18 -5.71
C GLN A 137 10.17 -12.29 -6.69
N THR A 138 9.66 -13.40 -6.16
CA THR A 138 9.29 -14.55 -7.03
C THR A 138 8.36 -14.06 -8.15
N SER A 139 7.28 -13.37 -7.77
CA SER A 139 6.30 -12.92 -8.79
C SER A 139 6.99 -12.01 -9.80
N ALA A 140 7.64 -10.95 -9.31
CA ALA A 140 8.31 -9.99 -10.22
C ALA A 140 9.18 -10.75 -11.21
N LEU A 141 9.99 -11.68 -10.71
CA LEU A 141 10.89 -12.41 -11.61
C LEU A 141 10.13 -13.28 -12.60
N ASN A 142 9.06 -13.93 -12.15
CA ASN A 142 8.33 -14.90 -12.98
C ASN A 142 7.17 -14.33 -13.78
N PHE A 143 6.59 -13.20 -13.37
CA PHE A 143 5.41 -12.70 -14.07
C PHE A 143 5.61 -11.34 -14.74
N LEU A 144 5.57 -10.25 -13.97
CA LEU A 144 5.64 -8.90 -14.52
C LEU A 144 6.64 -8.75 -15.66
N THR A 145 7.88 -9.20 -15.46
CA THR A 145 8.91 -9.00 -16.47
C THR A 145 8.55 -9.66 -17.79
N PRO A 146 8.35 -11.03 -17.88
CA PRO A 146 7.94 -11.64 -19.16
C PRO A 146 6.98 -10.78 -19.96
N LEU A 147 5.90 -10.32 -19.33
CA LEU A 147 4.90 -9.53 -20.05
C LEU A 147 5.54 -8.23 -20.52
N ARG A 148 6.18 -7.50 -19.59
CA ARG A 148 6.79 -6.22 -19.92
C ARG A 148 7.60 -6.35 -21.20
N ASN A 149 8.44 -7.40 -21.27
CA ASN A 149 9.26 -7.67 -22.45
C ASN A 149 8.41 -7.55 -23.70
N PHE A 150 7.37 -8.38 -23.78
CA PHE A 150 6.50 -8.39 -24.98
C PHE A 150 6.06 -6.97 -25.30
N ILE A 151 5.45 -6.30 -24.33
CA ILE A 151 4.89 -4.94 -24.62
C ILE A 151 5.98 -4.00 -25.14
N GLU A 152 7.18 -4.08 -24.58
CA GLU A 152 8.21 -3.11 -24.98
C GLU A 152 8.83 -3.43 -26.33
N GLY A 153 8.98 -4.70 -26.68
CA GLY A 153 9.61 -5.08 -27.92
C GLY A 153 8.73 -5.35 -29.12
N ASP A 154 8.01 -6.48 -29.13
CA ASP A 154 7.21 -6.84 -30.30
C ASP A 154 6.22 -5.73 -30.66
N TYR A 155 5.51 -5.21 -29.65
CA TYR A 155 4.49 -4.20 -29.93
C TYR A 155 5.10 -3.01 -30.65
N LYS A 156 6.26 -2.55 -30.18
CA LYS A 156 6.93 -1.39 -30.80
C LYS A 156 7.14 -1.67 -32.29
N THR A 157 7.77 -2.81 -32.59
CA THR A 157 8.07 -3.17 -33.97
C THR A 157 6.79 -3.08 -34.81
N ILE A 158 5.72 -3.70 -34.30
CA ILE A 158 4.47 -3.71 -35.06
C ILE A 158 4.00 -2.29 -35.28
N ALA A 159 4.14 -1.44 -34.25
CA ALA A 159 3.70 -0.05 -34.37
C ALA A 159 4.42 0.60 -35.54
N LYS A 160 5.75 0.40 -35.61
CA LYS A 160 6.53 1.01 -36.67
C LYS A 160 6.00 0.56 -38.03
N GLU A 161 5.82 -0.75 -38.19
CA GLU A 161 5.37 -1.27 -39.47
C GLU A 161 4.01 -0.69 -39.82
N ARG A 162 3.15 -0.58 -38.80
CA ARG A 162 1.80 -0.01 -39.03
C ARG A 162 1.98 1.37 -39.68
N LYS A 163 2.88 2.19 -39.12
CA LYS A 163 3.08 3.56 -39.65
C LYS A 163 3.51 3.48 -41.11
N LEU A 164 4.46 2.59 -41.42
CA LEU A 164 4.97 2.48 -42.81
C LEU A 164 3.81 2.21 -43.75
N LEU A 165 2.99 1.21 -43.41
CA LEU A 165 1.85 0.83 -44.30
C LEU A 165 0.87 2.01 -44.37
N GLN A 166 0.60 2.65 -43.23
CA GLN A 166 -0.31 3.82 -43.22
C GLN A 166 0.23 4.87 -44.19
N ASN A 167 1.54 5.16 -44.10
CA ASN A 167 2.15 6.17 -45.01
C ASN A 167 1.93 5.72 -46.45
N LYS A 168 2.33 4.50 -46.78
CA LYS A 168 2.20 4.00 -48.18
C LYS A 168 0.76 4.27 -48.65
N ARG A 169 -0.22 3.91 -47.82
CA ARG A 169 -1.63 4.07 -48.23
C ARG A 169 -1.84 5.54 -48.60
N LEU A 170 -1.43 6.45 -47.71
CA LEU A 170 -1.53 7.89 -48.03
C LEU A 170 -0.98 8.12 -49.44
N ASP A 171 0.23 7.64 -49.73
CA ASP A 171 0.80 7.91 -51.05
C ASP A 171 -0.14 7.37 -52.12
N LEU A 172 -0.60 6.13 -51.93
CA LEU A 172 -1.47 5.51 -52.95
C LEU A 172 -2.70 6.41 -53.17
N ASP A 173 -3.35 6.81 -52.08
CA ASP A 173 -4.56 7.61 -52.20
C ASP A 173 -4.25 8.94 -52.91
N ALA A 174 -3.11 9.54 -52.58
CA ALA A 174 -2.71 10.79 -53.23
C ALA A 174 -2.57 10.58 -54.73
N ALA A 175 -1.89 9.50 -55.10
CA ALA A 175 -1.70 9.19 -56.53
C ALA A 175 -3.07 9.06 -57.19
N LYS A 176 -3.94 8.23 -56.60
CA LYS A 176 -5.31 8.07 -57.14
C LYS A 176 -5.91 9.46 -57.39
N THR A 177 -5.94 10.30 -56.36
CA THR A 177 -6.54 11.62 -56.52
C THR A 177 -5.91 12.37 -57.68
N ARG A 178 -4.58 12.26 -57.81
CA ARG A 178 -3.87 12.94 -58.89
C ARG A 178 -4.35 12.43 -60.25
N LEU A 179 -4.50 11.11 -60.36
CA LEU A 179 -5.00 10.53 -61.63
C LEU A 179 -6.44 11.02 -61.87
N LYS A 180 -7.24 11.07 -60.80
CA LYS A 180 -8.62 11.54 -60.94
C LYS A 180 -8.66 12.90 -61.61
N LYS A 181 -7.70 13.76 -61.25
CA LYS A 181 -7.64 15.12 -61.84
C LYS A 181 -6.57 15.18 -62.92
N ALA A 182 -6.32 14.06 -63.60
CA ALA A 182 -5.33 14.04 -64.71
C ALA A 182 -6.04 14.25 -66.04
N LYS A 183 -5.57 15.20 -66.85
CA LYS A 183 -6.21 15.49 -68.15
C LYS A 183 -5.23 15.23 -69.29
N ALA A 184 -4.10 15.94 -69.32
CA ALA A 184 -3.12 15.78 -70.42
C ALA A 184 -2.81 14.29 -70.59
N ALA A 185 -3.08 13.74 -71.77
CA ALA A 185 -2.87 12.30 -72.00
C ALA A 185 -1.48 11.88 -71.50
N GLU A 186 -0.42 12.57 -71.94
CA GLU A 186 0.92 12.15 -71.56
C GLU A 186 1.09 12.16 -70.05
N THR A 187 0.65 13.23 -69.39
CA THR A 187 0.74 13.32 -67.95
C THR A 187 -0.11 12.25 -67.29
N ARG A 188 -1.30 12.00 -67.84
CA ARG A 188 -2.15 10.93 -67.30
C ARG A 188 -1.44 9.59 -67.37
N ASN A 189 -0.77 9.30 -68.49
CA ASN A 189 -0.03 8.05 -68.62
C ASN A 189 1.08 7.98 -67.57
N SER A 190 1.80 9.09 -67.38
CA SER A 190 2.84 9.13 -66.36
C SER A 190 2.22 8.83 -64.99
N SER A 191 1.06 9.43 -64.74
CA SER A 191 0.36 9.19 -63.45
C SER A 191 0.02 7.69 -63.35
N GLU A 192 -0.40 7.09 -64.46
CA GLU A 192 -0.72 5.64 -64.46
C GLU A 192 0.54 4.87 -64.04
N GLN A 193 1.70 5.24 -64.59
CA GLN A 193 2.97 4.59 -64.17
C GLN A 193 3.16 4.83 -62.68
N GLU A 194 2.97 6.08 -62.23
CA GLU A 194 3.12 6.42 -60.80
C GLU A 194 2.18 5.55 -59.97
N LEU A 195 0.92 5.42 -60.42
CA LEU A 195 -0.09 4.63 -59.67
C LEU A 195 0.42 3.19 -59.54
N ARG A 196 0.86 2.60 -60.65
CA ARG A 196 1.41 1.21 -60.60
C ARG A 196 2.57 1.20 -59.60
N ILE A 197 3.42 2.22 -59.67
CA ILE A 197 4.62 2.25 -58.77
C ILE A 197 4.16 2.18 -57.31
N THR A 198 3.29 3.09 -56.88
CA THR A 198 2.89 3.12 -55.44
C THR A 198 2.19 1.82 -55.07
N GLN A 199 1.26 1.34 -55.91
CA GLN A 199 0.48 0.13 -55.57
C GLN A 199 1.44 -1.01 -55.19
N SER A 200 2.44 -1.27 -56.04
CA SER A 200 3.41 -2.35 -55.77
C SER A 200 4.00 -2.17 -54.37
N GLU A 201 4.53 -0.98 -54.06
CA GLU A 201 5.17 -0.75 -52.75
C GLU A 201 4.15 -1.01 -51.65
N PHE A 202 2.93 -0.50 -51.83
CA PHE A 202 1.87 -0.67 -50.79
C PHE A 202 1.66 -2.17 -50.54
N ASP A 203 1.51 -2.94 -51.62
CA ASP A 203 1.27 -4.40 -51.48
C ASP A 203 2.44 -5.03 -50.73
N ARG A 204 3.67 -4.64 -51.07
CA ARG A 204 4.87 -5.24 -50.44
C ARG A 204 4.76 -5.06 -48.92
N GLN A 205 4.53 -3.82 -48.47
CA GLN A 205 4.49 -3.55 -47.00
C GLN A 205 3.34 -4.35 -46.38
N ALA A 206 2.22 -4.46 -47.09
CA ALA A 206 1.05 -5.17 -46.52
C ALA A 206 1.47 -6.60 -46.15
N GLU A 207 2.16 -7.28 -47.05
CA GLU A 207 2.65 -8.66 -46.75
C GLU A 207 3.57 -8.59 -45.53
N ILE A 208 4.58 -7.72 -45.57
CA ILE A 208 5.52 -7.57 -44.42
C ILE A 208 4.69 -7.47 -43.13
N THR A 209 3.68 -6.60 -43.13
CA THR A 209 2.88 -6.38 -41.89
C THR A 209 2.18 -7.69 -41.52
N ARG A 210 1.49 -8.32 -42.48
CA ARG A 210 0.74 -9.52 -42.12
C ARG A 210 1.70 -10.54 -41.50
N LEU A 211 2.89 -10.68 -42.10
CA LEU A 211 3.85 -11.66 -41.60
C LEU A 211 4.15 -11.39 -40.14
N LEU A 212 4.46 -10.13 -39.81
CA LEU A 212 4.81 -9.81 -38.44
C LEU A 212 3.62 -10.06 -37.52
N LEU A 213 2.42 -9.68 -37.98
CA LEU A 213 1.22 -9.82 -37.12
C LEU A 213 1.01 -11.30 -36.77
N GLU A 214 1.39 -12.21 -37.67
CA GLU A 214 1.19 -13.64 -37.42
C GLU A 214 1.80 -14.11 -36.10
N GLY A 215 2.91 -13.48 -35.71
CA GLY A 215 3.61 -13.89 -34.47
C GLY A 215 2.78 -13.72 -33.21
N ILE A 216 1.75 -12.86 -33.26
CA ILE A 216 0.94 -12.57 -32.03
C ILE A 216 0.28 -13.86 -31.53
N SER A 217 -0.05 -14.80 -32.45
CA SER A 217 -0.76 -16.03 -32.03
C SER A 217 -0.06 -16.66 -30.82
N SER A 218 1.26 -16.79 -30.87
CA SER A 218 2.01 -17.45 -29.76
C SER A 218 1.98 -16.60 -28.50
N THR A 219 1.86 -15.27 -28.65
CA THR A 219 1.92 -14.38 -27.46
C THR A 219 0.92 -14.85 -26.39
N HIS A 220 -0.32 -15.14 -26.79
CA HIS A 220 -1.36 -15.52 -25.80
C HIS A 220 -0.88 -16.76 -25.02
N ALA A 221 -0.41 -17.77 -25.74
CA ALA A 221 0.03 -19.02 -25.07
C ALA A 221 1.14 -18.68 -24.07
N HIS A 222 2.11 -17.85 -24.48
CA HIS A 222 3.25 -17.51 -23.59
C HIS A 222 2.71 -16.88 -22.30
N HIS A 223 1.79 -15.93 -22.42
CA HIS A 223 1.27 -15.21 -21.23
C HIS A 223 0.57 -16.22 -20.31
N LEU A 224 -0.23 -17.13 -20.89
CA LEU A 224 -0.98 -18.12 -20.09
C LEU A 224 -0.02 -18.81 -19.12
N ARG A 225 1.14 -19.23 -19.60
CA ARG A 225 2.14 -19.91 -18.73
C ARG A 225 2.48 -18.97 -17.58
N CYS A 226 2.75 -17.70 -17.90
CA CYS A 226 3.16 -16.73 -16.84
C CYS A 226 2.06 -16.65 -15.76
N LEU A 227 0.79 -16.60 -16.19
CA LEU A 227 -0.33 -16.49 -15.22
C LEU A 227 -0.30 -17.72 -14.31
N ASN A 228 -0.15 -18.91 -14.89
CA ASN A 228 -0.11 -20.15 -14.07
C ASN A 228 0.97 -20.01 -13.00
N ASP A 229 2.11 -19.41 -13.35
CA ASP A 229 3.23 -19.26 -12.38
C ASP A 229 2.80 -18.34 -11.24
N PHE A 230 2.32 -17.14 -11.56
CA PHE A 230 1.88 -16.18 -10.54
C PHE A 230 1.00 -16.91 -9.52
N VAL A 231 0.01 -17.63 -10.03
CA VAL A 231 -0.91 -18.39 -9.18
C VAL A 231 -0.11 -19.23 -8.20
N GLU A 232 0.84 -20.00 -8.72
CA GLU A 232 1.61 -20.91 -7.84
C GLU A 232 2.23 -20.07 -6.72
N ALA A 233 2.72 -18.88 -7.06
CA ALA A 233 3.38 -18.02 -6.05
C ALA A 233 2.39 -17.69 -4.93
N GLN A 234 1.21 -17.18 -5.28
CA GLN A 234 0.22 -16.81 -4.25
C GLN A 234 -0.03 -18.04 -3.37
N MET A 235 -0.30 -19.19 -3.99
CA MET A 235 -0.51 -20.44 -3.22
C MET A 235 0.62 -20.59 -2.21
N THR A 236 1.87 -20.50 -2.69
CA THR A 236 3.04 -20.66 -1.78
C THR A 236 2.94 -19.65 -0.64
N TYR A 237 2.68 -18.39 -0.96
CA TYR A 237 2.66 -17.33 0.10
C TYR A 237 1.64 -17.71 1.18
N TYR A 238 0.38 -17.90 0.80
CA TYR A 238 -0.66 -18.18 1.83
C TYR A 238 -0.31 -19.47 2.57
N ALA A 239 0.10 -20.51 1.84
CA ALA A 239 0.39 -21.81 2.51
C ALA A 239 1.39 -21.57 3.64
N GLN A 240 2.50 -20.91 3.33
CA GLN A 240 3.53 -20.65 4.37
C GLN A 240 2.88 -19.89 5.52
N CYS A 241 2.20 -18.78 5.22
CA CYS A 241 1.67 -17.94 6.29
C CYS A 241 0.72 -18.76 7.17
N TYR A 242 -0.09 -19.62 6.54
CA TYR A 242 -1.07 -20.42 7.32
C TYR A 242 -0.30 -21.28 8.32
N GLN A 243 0.72 -21.98 7.83
CA GLN A 243 1.49 -22.87 8.70
C GLN A 243 2.10 -22.08 9.85
N TYR A 244 2.68 -20.92 9.53
CA TYR A 244 3.31 -20.08 10.55
C TYR A 244 2.28 -19.74 11.64
N MET A 245 1.09 -19.32 11.21
CA MET A 245 0.04 -18.94 12.18
C MET A 245 -0.24 -20.12 13.09
N LEU A 246 -0.59 -21.26 12.50
CA LEU A 246 -0.86 -22.49 13.30
C LEU A 246 0.25 -22.63 14.36
N ASP A 247 1.51 -22.61 13.93
CA ASP A 247 2.59 -22.83 14.88
C ASP A 247 2.46 -21.84 16.03
N LEU A 248 2.20 -20.57 15.71
CA LEU A 248 2.15 -19.55 16.80
C LEU A 248 1.10 -19.95 17.84
N GLN A 249 -0.09 -20.36 17.40
CA GLN A 249 -1.18 -20.68 18.36
C GLN A 249 -0.74 -21.80 19.30
N LYS A 250 0.00 -22.79 18.78
CA LYS A 250 0.45 -23.93 19.60
C LYS A 250 1.32 -23.41 20.75
N GLN A 251 2.29 -22.55 20.44
CA GLN A 251 3.20 -21.99 21.48
C GLN A 251 2.38 -21.16 22.47
N LEU A 252 1.44 -20.35 21.95
CA LEU A 252 0.61 -19.47 22.81
C LEU A 252 -0.64 -20.24 23.26
N ALA B 13 34.90 38.42 34.37
CA ALA B 13 34.71 39.83 34.09
C ALA B 13 33.29 40.10 33.60
N ASP B 14 33.17 40.93 32.57
CA ASP B 14 31.87 41.16 31.95
C ASP B 14 31.32 39.88 31.35
N ALA B 15 32.18 39.09 30.70
CA ALA B 15 31.76 37.82 30.13
C ALA B 15 31.24 36.90 31.22
N GLY B 16 31.92 36.87 32.37
CA GLY B 16 31.46 36.03 33.46
C GLY B 16 30.07 36.43 33.94
N THR B 17 29.81 37.74 34.04
CA THR B 17 28.50 38.20 34.46
C THR B 17 27.43 37.84 33.42
N PHE B 18 27.77 37.95 32.14
CA PHE B 18 26.83 37.54 31.10
C PHE B 18 26.53 36.06 31.22
N LEU B 19 27.56 35.26 31.48
CA LEU B 19 27.37 33.81 31.65
C LEU B 19 26.47 33.54 32.84
N SER B 20 26.65 34.32 33.93
CA SER B 20 25.81 34.16 35.11
C SER B 20 24.36 34.44 34.76
N ARG B 21 24.11 35.51 33.98
CA ARG B 21 22.75 35.83 33.58
C ARG B 21 22.17 34.71 32.72
N ALA B 22 22.99 34.17 31.79
CA ALA B 22 22.55 33.05 30.97
C ALA B 22 22.14 31.87 31.85
N VAL B 23 22.95 31.57 32.87
CA VAL B 23 22.65 30.46 33.75
C VAL B 23 21.34 30.72 34.50
N GLN B 24 21.14 31.98 34.92
CA GLN B 24 19.91 32.35 35.59
C GLN B 24 18.72 32.07 34.69
N PHE B 25 18.84 32.45 33.41
CA PHE B 25 17.74 32.22 32.47
C PHE B 25 17.50 30.73 32.28
N THR B 26 18.59 29.97 32.21
CA THR B 26 18.47 28.50 32.11
C THR B 26 17.66 28.02 33.31
N GLU B 27 17.93 28.58 34.49
CA GLU B 27 17.16 28.22 35.71
C GLU B 27 15.70 28.62 35.50
N GLU B 28 15.48 29.79 34.88
CA GLU B 28 14.08 30.23 34.59
C GLU B 28 13.42 29.17 33.70
N LYS B 29 14.13 28.70 32.68
CA LYS B 29 13.56 27.69 31.73
C LYS B 29 13.38 26.36 32.48
N LEU B 30 14.35 25.99 33.33
CA LEU B 30 14.28 24.68 34.04
C LEU B 30 14.24 24.94 35.55
N LYS B 35 10.99 18.69 45.51
CA LYS B 35 10.12 17.58 45.03
C LYS B 35 9.97 16.55 46.16
N THR B 36 8.72 16.24 46.55
CA THR B 36 8.50 15.20 47.59
C THR B 36 8.38 13.84 46.89
N GLU B 37 9.46 13.07 46.86
CA GLU B 37 9.44 11.73 46.22
C GLU B 37 8.37 10.87 46.89
N LEU B 38 7.54 10.19 46.09
CA LEU B 38 6.45 9.34 46.66
C LEU B 38 7.04 8.00 47.07
N ASP B 39 6.30 7.23 47.88
CA ASP B 39 6.77 5.89 48.33
C ASP B 39 7.10 5.05 47.09
N ALA B 40 8.24 4.34 47.13
CA ALA B 40 8.67 3.52 45.98
C ALA B 40 7.47 2.79 45.37
N HIS B 41 6.71 2.05 46.18
CA HIS B 41 5.60 1.28 45.63
C HIS B 41 4.83 2.09 44.60
N LEU B 42 4.34 3.26 45.02
CA LEU B 42 3.53 4.10 44.11
C LEU B 42 4.38 4.45 42.88
N GLU B 43 5.57 4.98 43.09
CA GLU B 43 6.47 5.34 41.95
C GLU B 43 6.54 4.18 40.97
N ASN B 44 6.91 2.98 41.45
CA ASN B 44 7.07 1.84 40.56
C ASN B 44 5.78 1.63 39.77
N LEU B 45 4.65 1.70 40.48
CA LEU B 45 3.34 1.51 39.81
C LEU B 45 3.18 2.57 38.72
N LEU B 46 3.43 3.83 39.06
CA LEU B 46 3.31 4.93 38.06
C LEU B 46 4.14 4.56 36.82
N SER B 47 5.39 4.13 37.02
CA SER B 47 6.26 3.84 35.88
C SER B 47 5.64 2.72 35.06
N LYS B 48 5.14 1.70 35.75
CA LYS B 48 4.50 0.55 35.05
C LYS B 48 3.39 1.10 34.15
N ALA B 49 2.44 1.83 34.75
CA ALA B 49 1.30 2.37 33.97
C ALA B 49 1.82 3.12 32.74
N GLU B 50 2.79 4.01 32.93
CA GLU B 50 3.24 4.82 31.81
C GLU B 50 3.77 3.92 30.70
N CYS B 51 4.65 2.97 31.07
CA CYS B 51 5.23 2.07 30.09
C CYS B 51 4.13 1.36 29.33
N THR B 52 3.14 0.87 30.08
CA THR B 52 2.02 0.13 29.45
C THR B 52 1.39 1.02 28.39
N LYS B 53 1.02 2.24 28.77
CA LYS B 53 0.35 3.16 27.81
C LYS B 53 1.23 3.33 26.57
N ILE B 54 2.51 3.62 26.76
CA ILE B 54 3.41 3.88 25.59
C ILE B 54 3.38 2.68 24.64
N TRP B 55 3.68 1.48 25.16
CA TRP B 55 3.76 0.29 24.27
C TRP B 55 2.39 0.01 23.65
N THR B 56 1.32 0.08 24.45
CA THR B 56 -0.02 -0.24 23.91
C THR B 56 -0.31 0.67 22.72
N GLU B 57 -0.02 1.96 22.86
CA GLU B 57 -0.30 2.93 21.77
C GLU B 57 0.47 2.50 20.51
N LYS B 58 1.77 2.21 20.66
CA LYS B 58 2.59 1.87 19.47
C LYS B 58 1.97 0.67 18.75
N ILE B 59 1.69 -0.40 19.48
CA ILE B 59 1.16 -1.64 18.84
C ILE B 59 -0.18 -1.31 18.17
N MET B 60 -1.06 -0.59 18.87
CA MET B 60 -2.42 -0.31 18.31
C MET B 60 -2.26 0.40 16.96
N LYS B 61 -1.34 1.37 16.88
CA LYS B 61 -1.19 2.16 15.63
C LYS B 61 -0.61 1.25 14.53
N GLN B 62 0.58 0.68 14.76
CA GLN B 62 1.24 -0.13 13.70
C GLN B 62 0.26 -1.18 13.17
N THR B 63 -0.49 -1.85 14.05
CA THR B 63 -1.38 -2.94 13.58
C THR B 63 -2.44 -2.33 12.65
N GLU B 64 -2.91 -1.13 12.96
CA GLU B 64 -3.87 -0.44 12.07
C GLU B 64 -3.20 -0.21 10.71
N VAL B 65 -1.95 0.24 10.71
CA VAL B 65 -1.21 0.43 9.43
C VAL B 65 -1.20 -0.92 8.68
N LEU B 66 -0.81 -1.99 9.37
CA LEU B 66 -0.77 -3.33 8.73
C LEU B 66 -2.11 -3.60 8.04
N LEU B 67 -3.22 -3.28 8.71
CA LEU B 67 -4.56 -3.57 8.14
C LEU B 67 -4.83 -2.67 6.92
N GLN B 68 -4.52 -1.37 7.03
CA GLN B 68 -4.79 -0.42 5.92
C GLN B 68 -3.45 0.17 5.45
N PRO B 69 -2.76 -0.46 4.48
CA PRO B 69 -1.43 0.02 4.03
C PRO B 69 -1.45 1.39 3.40
N ASN B 70 -2.44 1.70 2.58
CA ASN B 70 -2.50 2.95 1.85
C ASN B 70 -2.61 4.15 2.80
N PRO B 71 -1.64 5.07 2.80
CA PRO B 71 -1.77 6.26 3.65
C PRO B 71 -2.85 7.20 3.19
N ASN B 72 -2.98 7.40 1.87
CA ASN B 72 -3.99 8.33 1.35
C ASN B 72 -5.37 7.91 1.82
N ALA B 73 -5.65 6.60 1.83
CA ALA B 73 -6.95 6.13 2.29
C ALA B 73 -7.19 6.58 3.72
N ARG B 74 -6.18 6.41 4.57
CA ARG B 74 -6.32 6.83 5.99
C ARG B 74 -6.64 8.32 6.02
N ILE B 75 -5.88 9.11 5.24
CA ILE B 75 -6.08 10.56 5.23
C ILE B 75 -7.53 10.87 4.86
N GLU B 76 -8.04 10.19 3.82
CA GLU B 76 -9.41 10.39 3.39
C GLU B 76 -10.37 10.07 4.53
N GLU B 77 -10.12 8.96 5.21
CA GLU B 77 -10.97 8.56 6.34
C GLU B 77 -10.99 9.66 7.40
N PHE B 78 -9.80 10.17 7.74
CA PHE B 78 -9.69 11.24 8.74
C PHE B 78 -10.53 12.45 8.29
N VAL B 79 -10.37 12.83 7.03
CA VAL B 79 -11.14 13.99 6.50
C VAL B 79 -12.63 13.69 6.64
N TYR B 80 -13.08 12.53 6.14
CA TYR B 80 -14.52 12.18 6.18
C TYR B 80 -14.98 12.08 7.63
N GLU B 81 -14.13 11.61 8.52
CA GLU B 81 -14.47 11.55 9.96
C GLU B 81 -14.76 12.98 10.44
N LYS B 82 -13.86 13.91 10.13
CA LYS B 82 -14.09 15.34 10.50
C LYS B 82 -15.31 15.86 9.74
N LEU B 83 -15.47 15.46 8.48
CA LEU B 83 -16.63 15.89 7.66
C LEU B 83 -17.91 15.32 8.28
N ASP B 84 -17.78 14.28 9.10
CA ASP B 84 -18.97 13.64 9.74
C ASP B 84 -19.86 13.08 8.63
N ARG B 85 -19.27 12.70 7.49
CA ARG B 85 -20.05 12.09 6.39
C ARG B 85 -19.38 10.77 6.00
N LYS B 86 -20.18 9.78 5.57
CA LYS B 86 -19.63 8.48 5.22
C LYS B 86 -18.70 8.57 4.02
N ALA B 87 -17.52 7.95 4.14
CA ALA B 87 -16.57 7.88 3.05
C ALA B 87 -17.03 6.82 2.03
N PRO B 88 -16.85 7.09 0.73
CA PRO B 88 -17.32 6.14 -0.28
C PRO B 88 -16.70 4.76 -0.08
N SER B 89 -17.48 3.73 -0.41
CA SER B 89 -17.03 2.35 -0.27
C SER B 89 -16.09 2.01 -1.42
N ARG B 90 -14.83 2.38 -1.25
CA ARG B 90 -13.85 2.13 -2.30
C ARG B 90 -13.62 0.62 -2.44
N ILE B 91 -13.39 0.19 -3.67
CA ILE B 91 -13.09 -1.21 -3.92
C ILE B 91 -11.62 -1.49 -3.64
N ASN B 92 -11.37 -2.63 -3.00
CA ASN B 92 -10.01 -3.01 -2.63
C ASN B 92 -9.26 -3.52 -3.85
N ASN B 93 -7.94 -3.55 -3.74
CA ASN B 93 -7.10 -3.99 -4.87
C ASN B 93 -7.51 -5.36 -5.39
N PRO B 94 -7.65 -6.41 -4.55
CA PRO B 94 -7.96 -7.74 -5.10
C PRO B 94 -9.18 -7.73 -6.03
N GLU B 95 -10.30 -7.18 -5.57
CA GLU B 95 -11.52 -7.22 -6.37
C GLU B 95 -11.31 -6.47 -7.69
N LEU B 96 -10.63 -5.32 -7.64
CA LEU B 96 -10.42 -4.56 -8.87
C LEU B 96 -9.62 -5.39 -9.86
N LEU B 97 -8.54 -6.03 -9.37
CA LEU B 97 -7.74 -6.87 -10.24
C LEU B 97 -8.59 -7.98 -10.83
N GLY B 98 -9.45 -8.56 -10.00
CA GLY B 98 -10.35 -9.61 -10.48
C GLY B 98 -11.21 -9.09 -11.61
N GLN B 99 -11.77 -7.90 -11.44
CA GLN B 99 -12.64 -7.32 -12.46
C GLN B 99 -11.89 -7.20 -13.76
N TYR B 100 -10.68 -6.63 -13.70
CA TYR B 100 -9.89 -6.44 -14.90
C TYR B 100 -9.65 -7.78 -15.59
N MET B 101 -9.24 -8.78 -14.81
CA MET B 101 -8.94 -10.09 -15.41
C MET B 101 -10.17 -10.68 -16.07
N ILE B 102 -11.32 -10.64 -15.37
CA ILE B 102 -12.53 -11.25 -15.91
C ILE B 102 -12.93 -10.57 -17.21
N ASP B 103 -12.96 -9.23 -17.20
CA ASP B 103 -13.37 -8.50 -18.40
C ASP B 103 -12.40 -8.80 -19.54
N ALA B 104 -11.10 -8.79 -19.26
CA ALA B 104 -10.11 -9.05 -20.30
C ALA B 104 -10.34 -10.43 -20.90
N GLY B 105 -10.51 -11.43 -20.04
CA GLY B 105 -10.74 -12.79 -20.51
C GLY B 105 -11.96 -12.85 -21.40
N THR B 106 -13.03 -12.17 -21.00
CA THR B 106 -14.25 -12.13 -21.81
C THR B 106 -13.93 -11.55 -23.18
N GLU B 107 -13.17 -10.45 -23.21
CA GLU B 107 -12.85 -9.79 -24.48
C GLU B 107 -12.08 -10.74 -25.39
N PHE B 108 -11.02 -11.37 -24.86
CA PHE B 108 -10.22 -12.27 -25.67
C PHE B 108 -11.01 -13.48 -26.15
N GLY B 109 -12.10 -13.83 -25.48
CA GLY B 109 -12.90 -14.97 -25.85
C GLY B 109 -13.02 -16.00 -24.75
N PRO B 110 -14.24 -16.18 -24.24
CA PRO B 110 -14.45 -17.10 -23.11
C PRO B 110 -14.00 -18.53 -23.41
N GLY B 111 -14.25 -19.03 -24.62
CA GLY B 111 -13.87 -20.39 -24.94
C GLY B 111 -12.38 -20.61 -24.82
N THR B 112 -11.59 -19.62 -25.20
CA THR B 112 -10.13 -19.74 -25.18
C THR B 112 -9.65 -20.07 -23.78
N ALA B 113 -8.66 -20.96 -23.71
CA ALA B 113 -8.11 -21.38 -22.42
C ALA B 113 -7.61 -20.18 -21.62
N TYR B 114 -6.89 -19.27 -22.28
CA TYR B 114 -6.41 -18.06 -21.63
C TYR B 114 -7.57 -17.29 -21.01
N GLY B 115 -8.63 -17.05 -21.79
CA GLY B 115 -9.79 -16.34 -21.27
C GLY B 115 -10.38 -17.05 -20.06
N ASN B 116 -10.53 -18.37 -20.16
CA ASN B 116 -11.08 -19.16 -19.06
C ASN B 116 -10.28 -18.91 -17.79
N ALA B 117 -8.96 -19.04 -17.91
CA ALA B 117 -8.09 -18.85 -16.73
C ALA B 117 -8.32 -17.44 -16.17
N LEU B 118 -8.28 -16.43 -17.04
CA LEU B 118 -8.42 -15.05 -16.57
C LEU B 118 -9.70 -14.90 -15.75
N ILE B 119 -10.82 -15.43 -16.28
CA ILE B 119 -12.11 -15.29 -15.60
C ILE B 119 -12.05 -15.98 -14.24
N LYS B 120 -11.55 -17.22 -14.24
CA LYS B 120 -11.47 -17.98 -12.98
C LYS B 120 -10.67 -17.17 -11.95
N CYS B 121 -9.49 -16.69 -12.33
CA CYS B 121 -8.64 -15.98 -11.39
C CYS B 121 -9.36 -14.74 -10.88
N GLY B 122 -10.07 -14.04 -11.76
CA GLY B 122 -10.83 -12.88 -11.32
C GLY B 122 -11.83 -13.24 -10.23
N GLU B 123 -12.54 -14.36 -10.42
CA GLU B 123 -13.52 -14.79 -9.42
C GLU B 123 -12.83 -15.03 -8.09
N THR B 124 -11.78 -15.85 -8.10
CA THR B 124 -11.06 -16.17 -6.85
C THR B 124 -10.57 -14.88 -6.20
N GLN B 125 -10.03 -13.96 -7.00
CA GLN B 125 -9.48 -12.72 -6.46
C GLN B 125 -10.57 -11.96 -5.71
N LYS B 126 -11.79 -11.91 -6.29
CA LYS B 126 -12.87 -11.19 -5.63
C LYS B 126 -13.23 -11.88 -4.32
N ARG B 127 -13.22 -13.21 -4.32
CA ARG B 127 -13.48 -13.96 -3.09
C ARG B 127 -12.47 -13.56 -2.02
N ILE B 128 -11.20 -13.54 -2.42
CA ILE B 128 -10.12 -13.16 -1.46
C ILE B 128 -10.44 -11.77 -0.90
N GLY B 129 -10.77 -10.83 -1.79
CA GLY B 129 -11.03 -9.47 -1.32
C GLY B 129 -12.12 -9.45 -0.26
N THR B 130 -13.19 -10.22 -0.48
CA THR B 130 -14.27 -10.26 0.49
C THR B 130 -13.77 -10.81 1.82
N ALA B 131 -13.00 -11.91 1.77
CA ALA B 131 -12.48 -12.50 2.99
C ALA B 131 -11.62 -11.47 3.74
N ASP B 132 -10.82 -10.72 3.00
CA ASP B 132 -9.96 -9.70 3.61
C ASP B 132 -10.84 -8.69 4.34
N ARG B 133 -11.92 -8.25 3.70
CA ARG B 133 -12.80 -7.26 4.34
C ARG B 133 -13.33 -7.83 5.65
N GLU B 134 -13.73 -9.10 5.63
CA GLU B 134 -14.22 -9.75 6.84
C GLU B 134 -13.16 -9.68 7.93
N LEU B 135 -11.92 -10.02 7.59
CA LEU B 135 -10.85 -10.02 8.56
C LEU B 135 -10.71 -8.63 9.18
N ILE B 136 -10.69 -7.60 8.33
CA ILE B 136 -10.51 -6.23 8.82
C ILE B 136 -11.60 -5.90 9.83
N GLN B 137 -12.84 -6.22 9.48
CA GLN B 137 -13.98 -5.89 10.39
C GLN B 137 -13.76 -6.56 11.76
N THR B 138 -13.49 -7.87 11.77
CA THR B 138 -13.36 -8.61 13.05
C THR B 138 -12.29 -7.98 13.94
N SER B 139 -11.09 -7.73 13.40
CA SER B 139 -9.97 -7.22 14.23
C SER B 139 -10.38 -5.90 14.91
N ALA B 140 -10.96 -4.97 14.15
CA ALA B 140 -11.29 -3.64 14.72
C ALA B 140 -12.44 -3.76 15.72
N LEU B 141 -13.12 -4.91 15.75
CA LEU B 141 -14.31 -5.05 16.64
C LEU B 141 -13.91 -5.72 17.95
N ASN B 142 -12.92 -6.61 17.93
CA ASN B 142 -12.62 -7.38 19.17
C ASN B 142 -11.18 -7.13 19.65
N PHE B 143 -10.42 -6.31 18.95
CA PHE B 143 -9.00 -6.06 19.34
C PHE B 143 -8.78 -4.55 19.50
N LEU B 144 -8.74 -3.82 18.39
CA LEU B 144 -8.47 -2.36 18.44
C LEU B 144 -9.42 -1.69 19.43
N THR B 145 -10.70 -2.05 19.40
CA THR B 145 -11.71 -1.38 20.28
C THR B 145 -11.25 -1.43 21.73
N PRO B 146 -11.21 -2.58 22.42
CA PRO B 146 -10.88 -2.57 23.87
C PRO B 146 -9.65 -1.74 24.19
N LEU B 147 -8.55 -1.95 23.45
CA LEU B 147 -7.31 -1.23 23.73
C LEU B 147 -7.58 0.27 23.68
N ARG B 148 -8.25 0.72 22.61
CA ARG B 148 -8.49 2.14 22.45
C ARG B 148 -9.30 2.63 23.64
N ASN B 149 -10.30 1.85 24.05
CA ASN B 149 -11.15 2.21 25.17
C ASN B 149 -10.27 2.54 26.36
N PHE B 150 -9.46 1.56 26.75
CA PHE B 150 -8.61 1.71 27.92
C PHE B 150 -7.77 2.97 27.82
N ILE B 151 -7.01 3.11 26.73
CA ILE B 151 -6.08 4.28 26.61
C ILE B 151 -6.89 5.58 26.69
N GLU B 152 -8.12 5.59 26.18
CA GLU B 152 -8.95 6.79 26.17
C GLU B 152 -9.72 7.01 27.46
N GLY B 153 -10.10 5.96 28.18
CA GLY B 153 -10.80 6.19 29.42
C GLY B 153 -10.01 6.13 30.71
N ASP B 154 -9.52 4.95 31.10
CA ASP B 154 -8.82 4.82 32.37
C ASP B 154 -7.63 5.77 32.45
N TYR B 155 -6.83 5.85 31.38
CA TYR B 155 -5.62 6.66 31.41
C TYR B 155 -5.93 8.10 31.80
N LYS B 156 -7.02 8.67 31.26
CA LYS B 156 -7.37 10.04 31.64
C LYS B 156 -7.52 10.16 33.15
N THR B 157 -8.41 9.35 33.74
CA THR B 157 -8.56 9.34 35.20
C THR B 157 -7.20 9.32 35.88
N ILE B 158 -6.35 8.37 35.48
CA ILE B 158 -5.04 8.22 36.10
C ILE B 158 -4.31 9.55 36.03
N ALA B 159 -4.30 10.16 34.84
CA ALA B 159 -3.59 11.42 34.63
C ALA B 159 -4.14 12.49 35.56
N LYS B 160 -5.47 12.55 35.69
CA LYS B 160 -6.10 13.56 36.54
C LYS B 160 -5.58 13.43 37.96
N GLU B 161 -5.62 12.20 38.49
CA GLU B 161 -5.15 11.98 39.89
C GLU B 161 -3.70 12.41 39.99
N ARG B 162 -2.89 12.03 39.01
CA ARG B 162 -1.44 12.36 39.06
C ARG B 162 -1.27 13.87 39.16
N LYS B 163 -2.01 14.62 38.33
CA LYS B 163 -1.90 16.10 38.34
C LYS B 163 -2.26 16.64 39.73
N LEU B 164 -3.38 16.17 40.29
CA LEU B 164 -3.84 16.69 41.61
C LEU B 164 -2.76 16.44 42.65
N LEU B 165 -2.24 15.21 42.72
CA LEU B 165 -1.23 14.88 43.76
C LEU B 165 0.03 15.70 43.50
N GLN B 166 0.36 15.92 42.22
CA GLN B 166 1.54 16.74 41.88
C GLN B 166 1.34 18.14 42.45
N ASN B 167 0.12 18.69 42.30
CA ASN B 167 -0.18 20.03 42.86
C ASN B 167 -0.06 19.96 44.39
N LYS B 168 -0.64 18.92 45.01
CA LYS B 168 -0.52 18.75 46.48
C LYS B 168 0.97 18.73 46.83
N ARG B 169 1.77 18.03 46.01
CA ARG B 169 3.23 17.96 46.25
C ARG B 169 3.80 19.39 46.20
N LEU B 170 3.55 20.12 45.12
CA LEU B 170 4.13 21.45 45.02
C LEU B 170 3.74 22.28 46.24
N ASP B 171 2.46 22.20 46.63
CA ASP B 171 1.99 22.95 47.78
C ASP B 171 2.73 22.50 49.03
N LEU B 172 2.92 21.19 49.18
CA LEU B 172 3.65 20.64 50.32
C LEU B 172 5.09 21.14 50.33
N ASP B 173 5.74 21.16 49.17
CA ASP B 173 7.10 21.69 49.08
C ASP B 173 7.13 23.14 49.55
N ALA B 174 6.13 23.90 49.13
CA ALA B 174 6.03 25.30 49.55
C ALA B 174 5.90 25.36 51.07
N ALA B 175 5.08 24.45 51.62
CA ALA B 175 4.85 24.45 53.08
C ALA B 175 6.20 24.30 53.80
N LYS B 176 7.07 23.45 53.26
CA LYS B 176 8.41 23.23 53.88
C LYS B 176 9.18 24.55 53.87
N THR B 177 9.13 25.29 52.76
CA THR B 177 9.82 26.60 52.68
C THR B 177 9.21 27.53 53.75
N ARG B 178 7.88 27.56 53.84
CA ARG B 178 7.20 28.40 54.85
C ARG B 178 7.67 27.96 56.25
N LEU B 179 7.75 26.65 56.47
CA LEU B 179 8.19 26.12 57.79
C LEU B 179 9.62 26.60 58.05
N LYS B 180 10.52 26.46 57.07
CA LYS B 180 11.94 26.83 57.29
C LYS B 180 12.03 28.34 57.57
N LYS B 181 11.05 29.11 57.10
CA LYS B 181 11.08 30.59 57.29
C LYS B 181 10.15 30.99 58.43
N ALA B 182 9.62 30.01 59.18
CA ALA B 182 8.67 30.31 60.28
C ALA B 182 9.42 30.70 61.54
N LYS B 183 10.00 31.91 61.58
CA LYS B 183 10.77 32.35 62.73
C LYS B 183 9.91 32.64 63.94
N ALA B 184 8.86 33.46 63.79
CA ALA B 184 7.95 33.74 64.89
C ALA B 184 7.28 32.46 65.39
N ALA B 185 7.16 32.34 66.71
CA ALA B 185 6.55 31.15 67.31
C ALA B 185 5.17 30.91 66.71
N GLU B 186 4.36 31.98 66.63
CA GLU B 186 3.03 31.88 66.04
C GLU B 186 3.14 31.43 64.59
N THR B 187 4.06 32.06 63.84
CA THR B 187 4.28 31.70 62.44
C THR B 187 4.68 30.23 62.33
N ARG B 188 5.58 29.80 63.22
CA ARG B 188 6.04 28.39 63.22
C ARG B 188 4.82 27.47 63.39
N ASN B 189 3.99 27.74 64.40
CA ASN B 189 2.85 26.89 64.69
C ASN B 189 1.87 26.86 63.52
N SER B 190 1.59 28.04 62.94
CA SER B 190 0.69 28.12 61.79
C SER B 190 1.22 27.31 60.61
N SER B 191 2.52 27.48 60.33
CA SER B 191 3.16 26.74 59.22
C SER B 191 2.98 25.24 59.48
N GLU B 192 3.31 24.79 60.70
CA GLU B 192 3.14 23.36 61.06
C GLU B 192 1.72 22.91 60.75
N GLN B 193 0.72 23.63 61.28
CA GLN B 193 -0.67 23.23 61.08
C GLN B 193 -0.98 23.09 59.58
N GLU B 194 -0.58 24.07 58.78
CA GLU B 194 -0.82 23.99 57.34
C GLU B 194 -0.11 22.78 56.75
N LEU B 195 1.12 22.53 57.21
CA LEU B 195 1.89 21.37 56.70
C LEU B 195 1.10 20.09 57.00
N ARG B 196 0.55 19.98 58.21
CA ARG B 196 -0.23 18.81 58.60
C ARG B 196 -1.43 18.63 57.66
N ILE B 197 -2.14 19.73 57.39
CA ILE B 197 -3.31 19.68 56.52
C ILE B 197 -2.91 19.18 55.14
N THR B 198 -1.85 19.77 54.58
CA THR B 198 -1.34 19.35 53.28
C THR B 198 -0.98 17.87 53.29
N GLN B 199 -0.34 17.41 54.37
CA GLN B 199 0.04 16.01 54.49
C GLN B 199 -1.21 15.12 54.43
N SER B 200 -2.24 15.49 55.19
CA SER B 200 -3.46 14.69 55.22
C SER B 200 -4.04 14.58 53.81
N GLU B 201 -4.10 15.70 53.10
CA GLU B 201 -4.60 15.65 51.73
C GLU B 201 -3.71 14.74 50.88
N PHE B 202 -2.40 14.88 51.09
CA PHE B 202 -1.42 14.09 50.31
C PHE B 202 -1.75 12.60 50.47
N ASP B 203 -1.76 12.10 51.71
CA ASP B 203 -1.95 10.66 51.88
C ASP B 203 -3.30 10.23 51.33
N ARG B 204 -4.35 11.04 51.52
CA ARG B 204 -5.65 10.67 50.96
C ARG B 204 -5.56 10.48 49.44
N GLN B 205 -5.02 11.47 48.76
CA GLN B 205 -4.89 11.36 47.28
C GLN B 205 -4.02 10.15 46.98
N ALA B 206 -2.91 9.98 47.70
CA ALA B 206 -2.00 8.87 47.47
C ALA B 206 -2.75 7.56 47.48
N GLU B 207 -3.64 7.39 48.47
CA GLU B 207 -4.45 6.18 48.57
C GLU B 207 -5.28 5.99 47.32
N ILE B 208 -5.98 7.05 46.89
CA ILE B 208 -6.81 6.94 45.69
C ILE B 208 -5.96 6.50 44.51
N THR B 209 -4.82 7.18 44.35
CA THR B 209 -3.90 6.83 43.23
C THR B 209 -3.49 5.36 43.39
N ARG B 210 -3.15 4.96 44.62
CA ARG B 210 -2.70 3.56 44.85
C ARG B 210 -3.78 2.60 44.36
N LEU B 211 -5.04 2.88 44.69
CA LEU B 211 -6.16 1.99 44.28
C LEU B 211 -6.15 1.83 42.76
N LEU B 212 -6.13 2.96 42.04
CA LEU B 212 -6.16 2.92 40.55
C LEU B 212 -4.90 2.23 40.06
N LEU B 213 -3.77 2.47 40.71
CA LEU B 213 -2.48 1.90 40.25
C LEU B 213 -2.43 0.41 40.57
N GLU B 214 -3.44 -0.10 41.29
CA GLU B 214 -3.51 -1.56 41.55
C GLU B 214 -4.39 -2.20 40.47
N GLY B 215 -5.16 -1.39 39.73
CA GLY B 215 -6.04 -1.91 38.67
C GLY B 215 -5.26 -2.26 37.41
N ILE B 216 -4.03 -1.75 37.29
CA ILE B 216 -3.21 -2.01 36.06
C ILE B 216 -3.07 -3.52 35.87
N SER B 217 -2.98 -4.25 36.98
CA SER B 217 -2.85 -5.72 36.91
C SER B 217 -4.02 -6.30 36.10
N SER B 218 -5.24 -5.88 36.44
CA SER B 218 -6.45 -6.37 35.70
C SER B 218 -6.35 -5.96 34.23
N THR B 219 -5.90 -4.73 33.98
CA THR B 219 -5.80 -4.23 32.58
C THR B 219 -4.97 -5.22 31.76
N HIS B 220 -3.83 -5.66 32.31
CA HIS B 220 -2.94 -6.56 31.53
C HIS B 220 -3.69 -7.84 31.16
N ALA B 221 -4.58 -8.31 32.03
CA ALA B 221 -5.30 -9.58 31.76
C ALA B 221 -6.25 -9.38 30.59
N HIS B 222 -7.06 -8.32 30.65
CA HIS B 222 -8.02 -8.03 29.56
C HIS B 222 -7.26 -7.92 28.24
N HIS B 223 -6.15 -7.18 28.24
CA HIS B 223 -5.36 -6.98 27.00
C HIS B 223 -4.90 -8.34 26.49
N LEU B 224 -4.47 -9.23 27.40
CA LEU B 224 -3.95 -10.55 26.97
C LEU B 224 -5.05 -11.28 26.19
N ARG B 225 -6.26 -11.31 26.75
CA ARG B 225 -7.39 -12.01 26.08
C ARG B 225 -7.62 -11.37 24.71
N CYS B 226 -7.57 -10.05 24.64
CA CYS B 226 -7.79 -9.34 23.35
C CYS B 226 -6.75 -9.81 22.33
N LEU B 227 -5.49 -9.92 22.75
CA LEU B 227 -4.40 -10.37 21.83
C LEU B 227 -4.73 -11.78 21.34
N ASN B 228 -5.12 -12.68 22.24
CA ASN B 228 -5.41 -14.08 21.84
C ASN B 228 -6.46 -14.06 20.73
N ASP B 229 -7.43 -13.15 20.84
CA ASP B 229 -8.52 -13.07 19.81
C ASP B 229 -7.91 -12.66 18.47
N PHE B 230 -7.19 -11.54 18.43
CA PHE B 230 -6.61 -11.07 17.17
C PHE B 230 -5.87 -12.22 16.48
N VAL B 231 -5.12 -12.99 17.26
CA VAL B 231 -4.39 -14.15 16.67
C VAL B 231 -5.39 -15.03 15.92
N GLU B 232 -6.56 -15.29 16.52
CA GLU B 232 -7.58 -16.16 15.88
C GLU B 232 -7.98 -15.56 14.53
N ALA B 233 -8.22 -14.24 14.50
CA ALA B 233 -8.70 -13.61 13.25
C ALA B 233 -7.68 -13.86 12.12
N GLN B 234 -6.40 -13.61 12.37
CA GLN B 234 -5.38 -13.78 11.31
C GLN B 234 -5.42 -15.23 10.82
N MET B 235 -5.47 -16.18 11.75
CA MET B 235 -5.44 -17.61 11.35
C MET B 235 -6.64 -17.89 10.44
N THR B 236 -7.82 -17.41 10.83
CA THR B 236 -9.05 -17.66 10.03
C THR B 236 -8.86 -17.12 8.62
N TYR B 237 -8.42 -15.86 8.50
CA TYR B 237 -8.25 -15.23 7.17
C TYR B 237 -7.30 -16.08 6.31
N TYR B 238 -6.15 -16.46 6.88
CA TYR B 238 -5.15 -17.25 6.10
C TYR B 238 -5.76 -18.58 5.69
N ALA B 239 -6.44 -19.25 6.62
CA ALA B 239 -7.10 -20.54 6.30
C ALA B 239 -8.05 -20.35 5.11
N GLN B 240 -8.99 -19.41 5.24
CA GLN B 240 -9.96 -19.19 4.17
C GLN B 240 -9.24 -18.97 2.85
N CYS B 241 -8.24 -18.07 2.83
CA CYS B 241 -7.59 -17.75 1.53
C CYS B 241 -6.94 -19.01 0.95
N TYR B 242 -6.30 -19.81 1.80
CA TYR B 242 -5.58 -21.01 1.30
C TYR B 242 -6.56 -21.90 0.53
N GLN B 243 -7.76 -22.10 1.08
CA GLN B 243 -8.76 -22.98 0.43
C GLN B 243 -9.11 -22.42 -0.94
N TYR B 244 -9.36 -21.12 -1.03
CA TYR B 244 -9.76 -20.50 -2.32
C TYR B 244 -8.70 -20.84 -3.37
N MET B 245 -7.42 -20.65 -3.01
CA MET B 245 -6.32 -20.91 -3.98
C MET B 245 -6.34 -22.38 -4.38
N LEU B 246 -6.54 -23.27 -3.41
CA LEU B 246 -6.61 -24.73 -3.72
C LEU B 246 -7.70 -24.93 -4.77
N ASP B 247 -8.88 -24.35 -4.55
CA ASP B 247 -10.01 -24.52 -5.51
C ASP B 247 -9.58 -24.08 -6.90
N LEU B 248 -9.02 -22.87 -7.01
CA LEU B 248 -8.60 -22.34 -8.34
C LEU B 248 -7.61 -23.33 -8.96
N GLN B 249 -6.64 -23.79 -8.17
CA GLN B 249 -5.62 -24.74 -8.69
C GLN B 249 -6.34 -25.99 -9.21
N LYS B 250 -7.44 -26.38 -8.58
CA LYS B 250 -8.21 -27.55 -9.08
C LYS B 250 -8.93 -27.16 -10.39
N GLN B 251 -9.55 -25.98 -10.41
CA GLN B 251 -10.32 -25.54 -11.62
C GLN B 251 -9.39 -25.53 -12.83
N LEU B 252 -8.16 -25.02 -12.66
CA LEU B 252 -7.20 -24.93 -13.79
C LEU B 252 -6.23 -26.13 -13.72
#